data_2BV4
#
_entry.id   2BV4
#
_cell.length_a   50.685
_cell.length_b   89.504
_cell.length_c   46.484
_cell.angle_alpha   90.00
_cell.angle_beta   90.00
_cell.angle_gamma   90.00
#
_symmetry.space_group_name_H-M   'P 21 21 2'
#
loop_
_entity.id
_entity.type
_entity.pdbx_description
1 polymer 'LECTIN CV-IIL'
2 non-polymer 'CALCIUM ION'
3 non-polymer 'methyl alpha-D-mannopyranoside'
4 water water
#
_entity_poly.entity_id   1
_entity_poly.type   'polypeptide(L)'
_entity_poly.pdbx_seq_one_letter_code
;AQQGVFTLPARINFGVTVLVNSAATQHVEIFVDNEPRAAFSGVGTGDNNLGTKVINSGSGNVRVQITANGRQSDLVSSQL
VLANKLNLAVVGSEDGTDMDYNDSIVILNWPLG
;
_entity_poly.pdbx_strand_id   A,B
#
# COMPACT_ATOMS: atom_id res chain seq x y z
N ALA A 1 12.74 -8.70 16.92
CA ALA A 1 11.95 -9.76 16.23
C ALA A 1 12.31 -9.71 14.79
N GLN A 2 12.22 -10.84 14.12
CA GLN A 2 12.24 -10.85 12.66
C GLN A 2 11.13 -9.96 12.14
N GLN A 3 11.38 -9.28 11.06
CA GLN A 3 10.45 -8.42 10.38
C GLN A 3 10.49 -8.75 8.90
N GLY A 4 9.42 -8.45 8.19
CA GLY A 4 9.33 -8.72 6.77
C GLY A 4 8.97 -10.15 6.42
N VAL A 5 8.60 -10.96 7.41
CA VAL A 5 8.18 -12.36 7.21
C VAL A 5 6.70 -12.49 7.53
N PHE A 6 5.96 -13.09 6.60
CA PHE A 6 4.53 -13.23 6.75
C PHE A 6 4.10 -14.64 6.36
N THR A 7 3.09 -15.16 7.07
CA THR A 7 2.44 -16.38 6.67
C THR A 7 1.16 -16.03 5.94
N LEU A 8 1.11 -16.34 4.64
CA LEU A 8 -0.06 -16.13 3.82
C LEU A 8 -0.86 -17.42 3.76
N PRO A 9 -2.14 -17.35 3.33
CA PRO A 9 -2.86 -18.57 2.97
C PRO A 9 -2.02 -19.33 1.96
N ALA A 10 -2.09 -20.67 2.00
CA ALA A 10 -1.28 -21.49 1.09
C ALA A 10 -1.78 -21.33 -0.32
N ARG A 11 -0.85 -21.29 -1.26
CA ARG A 11 -1.11 -21.43 -2.69
C ARG A 11 -2.00 -20.32 -3.22
N ILE A 12 -1.90 -19.11 -2.62
CA ILE A 12 -2.74 -18.00 -3.04
C ILE A 12 -1.91 -17.05 -3.89
N ASN A 13 -2.55 -16.45 -4.89
CA ASN A 13 -1.91 -15.35 -5.63
C ASN A 13 -2.06 -14.08 -4.83
N PHE A 14 -0.98 -13.32 -4.74
CA PHE A 14 -0.98 -12.06 -4.01
C PHE A 14 -0.17 -11.06 -4.80
N GLY A 15 -0.50 -9.79 -4.57
CA GLY A 15 0.22 -8.70 -5.22
C GLY A 15 1.30 -8.11 -4.33
N VAL A 16 2.39 -7.67 -4.97
CA VAL A 16 3.50 -7.00 -4.32
C VAL A 16 3.70 -5.68 -5.04
N THR A 17 3.65 -4.57 -4.30
CA THR A 17 3.82 -3.23 -4.81
C THR A 17 4.97 -2.57 -4.06
N VAL A 18 5.82 -1.84 -4.74
CA VAL A 18 6.95 -1.18 -4.06
C VAL A 18 6.97 0.31 -4.40
N LEU A 19 7.14 1.13 -3.37
CA LEU A 19 7.36 2.57 -3.49
C LEU A 19 8.75 2.87 -2.94
N VAL A 20 9.47 3.82 -3.54
CA VAL A 20 10.76 4.23 -3.03
C VAL A 20 10.78 5.71 -2.63
N ASN A 21 11.60 5.98 -1.61
CA ASN A 21 11.85 7.34 -1.12
C ASN A 21 13.28 7.42 -0.67
N SER A 22 14.22 7.37 -1.60
CA SER A 22 15.63 7.28 -1.25
C SER A 22 16.49 7.81 -2.38
N ALA A 23 17.66 8.34 -2.03
CA ALA A 23 18.70 8.67 -2.97
C ALA A 23 19.54 7.46 -3.38
N ALA A 24 19.48 6.37 -2.61
CA ALA A 24 20.19 5.16 -2.90
C ALA A 24 19.29 4.22 -3.70
N THR A 25 19.84 3.55 -4.70
CA THR A 25 19.06 2.58 -5.43
C THR A 25 18.67 1.44 -4.51
N GLN A 26 17.41 1.07 -4.61
CA GLN A 26 16.75 0.02 -3.80
C GLN A 26 16.62 -1.23 -4.62
N HIS A 27 16.83 -2.38 -3.98
CA HIS A 27 16.68 -3.68 -4.59
C HIS A 27 15.81 -4.52 -3.67
N VAL A 28 14.63 -4.90 -4.15
CA VAL A 28 13.68 -5.66 -3.37
C VAL A 28 13.58 -7.06 -3.99
N GLU A 29 13.68 -8.07 -3.14
CA GLU A 29 13.45 -9.45 -3.54
C GLU A 29 12.37 -10.03 -2.63
N ILE A 30 11.38 -10.71 -3.22
CA ILE A 30 10.37 -11.44 -2.46
C ILE A 30 10.68 -12.92 -2.59
N PHE A 31 10.86 -13.57 -1.44
CA PHE A 31 11.09 -15.01 -1.35
C PHE A 31 9.80 -15.70 -0.97
N VAL A 32 9.56 -16.85 -1.58
CA VAL A 32 8.44 -17.73 -1.23
C VAL A 32 9.08 -19.09 -0.95
N ASP A 33 8.86 -19.62 0.24
CA ASP A 33 9.48 -20.92 0.60
C ASP A 33 11.01 -20.88 0.33
N ASN A 34 11.62 -19.76 0.69
CA ASN A 34 13.07 -19.57 0.61
C ASN A 34 13.60 -19.54 -0.79
N GLU A 35 12.76 -19.30 -1.79
CA GLU A 35 13.19 -19.19 -3.17
C GLU A 35 12.82 -17.83 -3.74
N PRO A 36 13.70 -17.20 -4.52
CA PRO A 36 13.40 -15.88 -5.06
C PRO A 36 12.29 -15.96 -6.09
N ARG A 37 11.28 -15.08 -5.96
N ARG A 37 11.28 -15.08 -5.96
CA ARG A 37 10.10 -15.11 -6.84
CA ARG A 37 10.11 -15.12 -6.83
C ARG A 37 9.70 -13.78 -7.44
C ARG A 37 9.69 -13.78 -7.43
N ALA A 38 10.19 -12.65 -6.93
CA ALA A 38 9.90 -11.37 -7.55
C ALA A 38 10.99 -10.38 -7.21
N ALA A 39 11.40 -9.57 -8.18
CA ALA A 39 12.43 -8.58 -8.00
C ALA A 39 11.92 -7.21 -8.44
N PHE A 40 12.38 -6.19 -7.74
CA PHE A 40 12.12 -4.80 -8.10
C PHE A 40 13.37 -4.01 -7.83
N SER A 41 13.57 -2.92 -8.58
N SER A 41 13.62 -2.96 -8.63
CA SER A 41 14.64 -2.01 -8.26
CA SER A 41 14.70 -2.02 -8.31
C SER A 41 14.32 -0.64 -8.80
C SER A 41 14.30 -0.64 -8.79
N GLY A 42 14.85 0.36 -8.14
CA GLY A 42 14.66 1.75 -8.57
C GLY A 42 15.18 2.70 -7.55
N VAL A 43 15.06 3.99 -7.87
CA VAL A 43 15.61 5.04 -7.02
C VAL A 43 14.78 6.29 -7.22
N GLY A 44 14.62 7.08 -6.18
CA GLY A 44 13.89 8.33 -6.26
C GLY A 44 13.33 8.69 -4.90
N THR A 45 13.15 9.99 -4.67
CA THR A 45 12.72 10.51 -3.38
C THR A 45 11.25 10.94 -3.38
N GLY A 46 10.53 10.73 -4.48
CA GLY A 46 9.16 11.22 -4.64
C GLY A 46 8.12 10.13 -4.56
N ASP A 47 8.29 9.17 -3.65
CA ASP A 47 7.33 8.07 -3.53
C ASP A 47 7.18 7.35 -4.86
N ASN A 48 8.30 7.10 -5.51
CA ASN A 48 8.26 6.59 -6.86
C ASN A 48 7.83 5.12 -6.87
N ASN A 49 6.86 4.82 -7.73
CA ASN A 49 6.17 3.53 -7.76
C ASN A 49 6.89 2.60 -8.74
N LEU A 50 7.35 1.46 -8.26
CA LEU A 50 8.06 0.49 -9.05
C LEU A 50 7.14 -0.51 -9.74
N GLY A 51 5.85 -0.37 -9.55
CA GLY A 51 4.87 -1.28 -10.12
C GLY A 51 4.45 -2.37 -9.14
N THR A 52 3.59 -3.25 -9.66
CA THR A 52 3.05 -4.38 -8.93
C THR A 52 3.33 -5.66 -9.69
N LYS A 53 3.70 -6.73 -8.98
N LYS A 53 3.69 -6.72 -8.97
CA LYS A 53 3.82 -8.06 -9.53
CA LYS A 53 3.82 -8.06 -9.53
C LYS A 53 2.95 -8.99 -8.71
C LYS A 53 2.96 -9.00 -8.71
N VAL A 54 2.33 -9.96 -9.40
CA VAL A 54 1.51 -10.98 -8.77
C VAL A 54 2.31 -12.27 -8.77
N ILE A 55 2.40 -12.91 -7.59
CA ILE A 55 3.10 -14.16 -7.44
C ILE A 55 2.27 -15.07 -6.52
N ASN A 56 2.69 -16.33 -6.42
CA ASN A 56 1.96 -17.32 -5.62
C ASN A 56 2.67 -17.59 -4.31
N SER A 57 1.89 -17.80 -3.24
CA SER A 57 2.44 -17.93 -1.90
C SER A 57 3.01 -19.32 -1.56
N GLY A 58 2.87 -20.33 -2.44
CA GLY A 58 3.43 -21.65 -2.12
C GLY A 58 2.86 -22.18 -0.82
N SER A 59 3.71 -22.64 0.08
CA SER A 59 3.23 -23.13 1.36
C SER A 59 2.66 -22.03 2.23
N GLY A 60 3.01 -20.78 1.90
CA GLY A 60 2.56 -19.61 2.68
C GLY A 60 3.71 -18.81 3.24
N ASN A 61 4.94 -19.30 3.20
CA ASN A 61 6.09 -18.66 3.85
C ASN A 61 6.72 -17.58 2.95
N VAL A 62 6.36 -16.32 3.18
CA VAL A 62 6.78 -15.21 2.34
C VAL A 62 7.73 -14.31 3.12
N ARG A 63 8.85 -13.92 2.50
CA ARG A 63 9.80 -13.02 3.10
C ARG A 63 10.18 -11.91 2.14
N VAL A 64 10.17 -10.69 2.66
CA VAL A 64 10.60 -9.50 1.93
C VAL A 64 12.01 -9.14 2.31
N GLN A 65 12.88 -8.94 1.31
CA GLN A 65 14.29 -8.58 1.54
C GLN A 65 14.60 -7.31 0.73
N ILE A 66 15.20 -6.32 1.38
CA ILE A 66 15.45 -5.03 0.75
C ILE A 66 16.92 -4.69 0.94
N THR A 67 17.61 -4.42 -0.15
CA THR A 67 19.04 -4.14 -0.13
C THR A 67 19.31 -2.78 -0.79
N ALA A 68 20.23 -2.02 -0.20
CA ALA A 68 20.70 -0.75 -0.79
C ALA A 68 22.16 -0.63 -0.38
N ASN A 69 23.01 -0.11 -1.28
CA ASN A 69 24.44 0.00 -1.00
C ASN A 69 25.04 -1.33 -0.58
N GLY A 70 24.49 -2.42 -1.09
CA GLY A 70 25.03 -3.74 -0.78
C GLY A 70 24.64 -4.30 0.57
N ARG A 71 23.86 -3.57 1.37
CA ARG A 71 23.49 -3.99 2.72
C ARG A 71 22.01 -4.17 2.82
N GLN A 72 21.57 -5.24 3.50
CA GLN A 72 20.16 -5.40 3.77
C GLN A 72 19.70 -4.28 4.74
N SER A 73 18.66 -3.58 4.32
CA SER A 73 18.08 -2.50 5.11
C SER A 73 17.42 -3.02 6.36
N ASP A 74 17.30 -2.14 7.36
CA ASP A 74 16.57 -2.46 8.58
C ASP A 74 15.08 -2.42 8.29
N LEU A 75 14.37 -3.48 8.64
CA LEU A 75 12.95 -3.64 8.29
C LEU A 75 12.04 -3.43 9.49
N VAL A 76 10.84 -2.93 9.21
N VAL A 76 10.85 -2.89 9.23
CA VAL A 76 9.73 -2.90 10.15
CA VAL A 76 9.72 -2.91 10.17
C VAL A 76 8.49 -3.33 9.40
C VAL A 76 8.50 -3.35 9.39
N SER A 77 7.60 -4.09 10.03
CA SER A 77 6.47 -4.65 9.29
C SER A 77 5.27 -4.90 10.18
N SER A 78 4.14 -5.08 9.55
N SER A 78 4.11 -5.03 9.56
N SER A 78 4.10 -5.02 9.56
CA SER A 78 2.88 -5.42 10.22
CA SER A 78 2.93 -5.54 10.24
CA SER A 78 2.89 -5.46 10.24
C SER A 78 1.93 -5.98 9.19
C SER A 78 1.93 -6.01 9.20
C SER A 78 1.92 -5.98 9.19
N GLN A 79 0.93 -6.73 9.65
CA GLN A 79 -0.17 -7.17 8.79
C GLN A 79 -1.48 -6.57 9.36
N LEU A 80 -2.33 -6.12 8.45
N LEU A 80 -2.32 -6.10 8.44
CA LEU A 80 -3.62 -5.53 8.75
CA LEU A 80 -3.63 -5.55 8.73
C LEU A 80 -4.70 -6.29 8.00
C LEU A 80 -4.69 -6.34 8.00
N VAL A 81 -5.82 -6.54 8.66
CA VAL A 81 -7.02 -7.12 8.00
C VAL A 81 -8.18 -6.15 8.19
N LEU A 82 -8.80 -5.77 7.06
N LEU A 82 -8.79 -5.76 7.06
CA LEU A 82 -9.96 -4.89 7.02
CA LEU A 82 -9.94 -4.86 7.03
C LEU A 82 -11.17 -5.66 6.57
C LEU A 82 -11.17 -5.65 6.57
N ALA A 83 -12.29 -5.34 7.21
CA ALA A 83 -13.58 -5.98 6.91
C ALA A 83 -13.50 -7.51 6.98
N ASN A 84 -12.59 -8.03 7.79
CA ASN A 84 -12.41 -9.45 7.91
C ASN A 84 -12.14 -10.14 6.57
N LYS A 85 -11.52 -9.41 5.65
N LYS A 85 -11.53 -9.41 5.63
CA LYS A 85 -11.41 -9.90 4.29
CA LYS A 85 -11.43 -9.87 4.23
C LYS A 85 -10.17 -9.40 3.55
C LYS A 85 -10.14 -9.40 3.56
N LEU A 86 -9.93 -8.11 3.55
CA LEU A 86 -8.81 -7.50 2.82
C LEU A 86 -7.56 -7.55 3.69
N ASN A 87 -6.53 -8.23 3.21
CA ASN A 87 -5.28 -8.32 3.92
C ASN A 87 -4.20 -7.46 3.25
N LEU A 88 -3.50 -6.69 4.09
N LEU A 88 -3.51 -6.68 4.08
CA LEU A 88 -2.33 -5.93 3.67
CA LEU A 88 -2.31 -5.95 3.68
C LEU A 88 -1.17 -6.30 4.60
C LEU A 88 -1.17 -6.34 4.60
N ALA A 89 -0.05 -6.69 4.02
CA ALA A 89 1.18 -6.92 4.78
C ALA A 89 2.15 -5.85 4.33
N VAL A 90 2.64 -5.01 5.26
N VAL A 90 2.65 -5.03 5.25
CA VAL A 90 3.39 -3.78 4.95
CA VAL A 90 3.42 -3.83 4.90
C VAL A 90 4.78 -3.91 5.52
C VAL A 90 4.79 -3.90 5.52
N VAL A 91 5.77 -3.47 4.74
CA VAL A 91 7.17 -3.41 5.17
C VAL A 91 7.70 -2.01 4.91
N GLY A 92 8.21 -1.37 5.93
CA GLY A 92 9.04 -0.17 5.75
C GLY A 92 10.50 -0.54 5.94
N SER A 93 11.40 0.31 5.49
CA SER A 93 12.82 -0.02 5.56
C SER A 93 13.65 1.23 5.60
N GLU A 94 14.81 1.08 6.26
CA GLU A 94 15.75 2.16 6.46
C GLU A 94 17.13 1.71 5.96
N ASP A 95 17.66 2.46 5.02
CA ASP A 95 18.93 2.19 4.37
C ASP A 95 20.06 3.07 4.90
N GLY A 96 19.79 3.93 5.86
CA GLY A 96 20.72 4.99 6.23
C GLY A 96 20.58 5.39 7.66
N THR A 97 20.67 6.71 7.88
CA THR A 97 20.83 7.29 9.22
C THR A 97 19.69 8.16 9.69
N ASP A 98 18.71 8.50 8.84
CA ASP A 98 17.69 9.44 9.21
C ASP A 98 16.43 8.80 9.80
N MET A 99 16.36 7.48 9.88
N MET A 99 16.36 7.48 9.90
CA MET A 99 15.25 6.78 10.53
CA MET A 99 15.24 6.80 10.57
C MET A 99 13.89 7.22 10.00
C MET A 99 13.87 7.19 10.01
N ASP A 100 13.76 7.44 8.68
CA ASP A 100 12.46 7.72 8.08
C ASP A 100 11.69 6.47 7.68
N TYR A 101 12.38 5.33 7.51
CA TYR A 101 11.73 4.04 7.26
C TYR A 101 10.82 4.02 6.05
N ASN A 102 11.12 4.88 5.06
CA ASN A 102 10.33 4.93 3.83
C ASN A 102 11.16 4.62 2.60
N ASP A 103 12.39 4.15 2.80
CA ASP A 103 13.36 4.16 1.69
C ASP A 103 12.92 3.20 0.57
N SER A 104 12.47 2.01 0.97
CA SER A 104 11.51 1.21 0.22
C SER A 104 10.34 0.89 1.13
N ILE A 105 9.15 0.98 0.56
CA ILE A 105 7.90 0.55 1.23
C ILE A 105 7.36 -0.56 0.34
N VAL A 106 7.13 -1.75 0.93
CA VAL A 106 6.64 -2.90 0.21
C VAL A 106 5.27 -3.28 0.76
N ILE A 107 4.30 -3.38 -0.13
CA ILE A 107 2.93 -3.71 0.25
C ILE A 107 2.54 -5.02 -0.43
N LEU A 108 2.13 -6.00 0.37
N LEU A 108 2.10 -5.97 0.37
CA LEU A 108 1.56 -7.24 -0.14
CA LEU A 108 1.54 -7.23 -0.13
C LEU A 108 0.03 -7.17 0.10
C LEU A 108 0.03 -7.16 0.09
N ASN A 109 -0.77 -7.61 -0.87
CA ASN A 109 -2.22 -7.65 -0.64
C ASN A 109 -2.83 -8.91 -1.23
N TRP A 110 -3.87 -9.37 -0.54
CA TRP A 110 -4.65 -10.52 -0.98
C TRP A 110 -5.99 -10.47 -0.24
N PRO A 111 -6.98 -11.20 -0.74
CA PRO A 111 -7.03 -11.87 -2.04
C PRO A 111 -7.24 -10.86 -3.18
N LEU A 112 -6.88 -11.30 -4.37
CA LEU A 112 -7.08 -10.54 -5.60
C LEU A 112 -8.41 -10.92 -6.23
N GLY A 113 -8.67 -10.36 -7.42
CA GLY A 113 -9.83 -10.77 -8.23
C GLY A 113 -11.01 -9.87 -8.17
N ALA B 1 -19.77 4.17 10.89
CA ALA B 1 -18.79 5.27 11.04
C ALA B 1 -18.37 5.72 9.67
N GLN B 2 -18.02 6.98 9.56
CA GLN B 2 -17.37 7.46 8.34
C GLN B 2 -16.08 6.68 8.15
N GLN B 3 -15.73 6.40 6.90
CA GLN B 3 -14.50 5.71 6.50
C GLN B 3 -13.87 6.50 5.35
N GLY B 4 -12.57 6.30 5.17
CA GLY B 4 -11.85 7.01 4.15
C GLY B 4 -11.53 8.46 4.44
N VAL B 5 -11.68 8.87 5.69
CA VAL B 5 -11.38 10.23 6.15
C VAL B 5 -10.18 10.16 7.08
N PHE B 6 -9.16 10.96 6.82
CA PHE B 6 -7.94 10.93 7.60
C PHE B 6 -7.48 12.33 7.90
N THR B 7 -6.95 12.53 9.10
CA THR B 7 -6.27 13.78 9.44
C THR B 7 -4.77 13.57 9.31
N LEU B 8 -4.16 14.26 8.35
CA LEU B 8 -2.72 14.24 8.12
C LEU B 8 -2.08 15.42 8.82
N PRO B 9 -0.76 15.39 9.03
CA PRO B 9 -0.05 16.61 9.40
C PRO B 9 -0.37 17.69 8.39
N ALA B 10 -0.40 18.95 8.84
CA ALA B 10 -0.71 20.05 7.95
C ALA B 10 0.37 20.28 6.95
N ARG B 11 -0.04 20.62 5.74
CA ARG B 11 0.85 21.12 4.71
C ARG B 11 1.95 20.14 4.34
N ILE B 12 1.66 18.84 4.41
CA ILE B 12 2.65 17.81 4.12
C ILE B 12 2.39 17.22 2.76
N ASN B 13 3.46 16.90 2.04
CA ASN B 13 3.32 16.11 0.80
C ASN B 13 3.12 14.64 1.19
N PHE B 14 2.14 14.02 0.53
CA PHE B 14 1.87 12.63 0.77
C PHE B 14 1.58 11.95 -0.56
N GLY B 15 1.81 10.64 -0.60
CA GLY B 15 1.55 9.86 -1.80
C GLY B 15 0.24 9.12 -1.71
N VAL B 16 -0.40 8.96 -2.87
CA VAL B 16 -1.62 8.21 -3.03
C VAL B 16 -1.40 7.20 -4.13
N THR B 17 -1.58 5.91 -3.81
CA THR B 17 -1.39 4.80 -4.74
C THR B 17 -2.71 4.04 -4.82
N VAL B 18 -3.13 3.64 -6.02
CA VAL B 18 -4.37 2.92 -6.21
C VAL B 18 -4.09 1.60 -6.93
N LEU B 19 -4.65 0.53 -6.37
CA LEU B 19 -4.70 -0.79 -6.99
C LEU B 19 -6.16 -1.14 -7.24
N VAL B 20 -6.45 -1.80 -8.36
CA VAL B 20 -7.82 -2.26 -8.62
C VAL B 20 -7.88 -3.77 -8.81
N ASN B 21 -9.02 -4.33 -8.40
CA ASN B 21 -9.33 -5.76 -8.57
C ASN B 21 -10.83 -5.83 -8.89
N SER B 22 -11.18 -5.48 -10.12
CA SER B 22 -12.57 -5.24 -10.50
C SER B 22 -12.77 -5.46 -11.96
N ALA B 23 -14.03 -5.81 -12.33
CA ALA B 23 -14.50 -5.78 -13.72
C ALA B 23 -15.22 -4.48 -14.09
N ALA B 24 -15.71 -3.74 -13.11
CA ALA B 24 -16.30 -2.44 -13.32
C ALA B 24 -15.19 -1.41 -13.19
N THR B 25 -15.26 -0.38 -14.04
CA THR B 25 -14.28 0.69 -13.95
C THR B 25 -14.45 1.44 -12.63
N GLN B 26 -13.31 1.66 -11.99
CA GLN B 26 -13.21 2.37 -10.72
C GLN B 26 -12.81 3.81 -10.93
N HIS B 27 -13.34 4.69 -10.10
CA HIS B 27 -12.94 6.09 -10.11
C HIS B 27 -12.65 6.48 -8.68
N VAL B 28 -11.42 6.88 -8.40
CA VAL B 28 -10.98 7.32 -7.08
C VAL B 28 -10.74 8.81 -7.11
N GLU B 29 -11.30 9.51 -6.12
CA GLU B 29 -11.07 10.94 -5.93
C GLU B 29 -10.52 11.16 -4.54
N ILE B 30 -9.49 12.02 -4.48
CA ILE B 30 -8.91 12.44 -3.21
C ILE B 30 -9.23 13.92 -3.03
N PHE B 31 -9.86 14.21 -1.91
CA PHE B 31 -10.19 15.58 -1.52
C PHE B 31 -9.22 16.03 -0.43
N VAL B 32 -8.81 17.30 -0.51
CA VAL B 32 -8.04 17.95 0.53
C VAL B 32 -8.81 19.19 0.92
N ASP B 33 -9.21 19.30 2.17
CA ASP B 33 -10.03 20.45 2.61
C ASP B 33 -11.26 20.61 1.71
N ASN B 34 -11.86 19.48 1.35
CA ASN B 34 -13.09 19.44 0.54
C ASN B 34 -12.92 19.85 -0.88
N GLU B 35 -11.67 19.96 -1.36
CA GLU B 35 -11.43 20.34 -2.75
C GLU B 35 -10.87 19.13 -3.48
N PRO B 36 -11.30 18.93 -4.73
CA PRO B 36 -10.88 17.74 -5.50
C PRO B 36 -9.44 17.91 -6.01
N ARG B 37 -8.53 17.06 -5.52
CA ARG B 37 -7.11 17.28 -5.73
C ARG B 37 -6.36 16.12 -6.40
N ALA B 38 -6.93 14.93 -6.50
CA ALA B 38 -6.29 13.85 -7.24
C ALA B 38 -7.35 12.90 -7.72
N ALA B 39 -7.15 12.36 -8.91
CA ALA B 39 -8.11 11.44 -9.51
C ALA B 39 -7.38 10.29 -10.15
N PHE B 40 -8.02 9.13 -10.10
CA PHE B 40 -7.54 7.91 -10.74
C PHE B 40 -8.72 7.19 -11.35
N SER B 41 -8.55 6.50 -12.47
N SER B 41 -8.50 6.46 -12.43
N SER B 41 -8.51 6.48 -12.44
CA SER B 41 -9.57 5.64 -13.02
CA SER B 41 -9.50 5.58 -12.95
CA SER B 41 -9.53 5.57 -12.93
C SER B 41 -8.88 4.41 -13.60
C SER B 41 -8.84 4.38 -13.58
C SER B 41 -8.86 4.39 -13.58
N GLY B 42 -9.51 3.24 -13.49
CA GLY B 42 -8.99 2.04 -14.12
C GLY B 42 -9.81 0.83 -13.80
N VAL B 43 -9.36 -0.29 -14.34
CA VAL B 43 -10.12 -1.54 -14.24
C VAL B 43 -9.14 -2.70 -14.36
N GLY B 44 -9.55 -3.87 -13.88
CA GLY B 44 -8.79 -5.09 -14.03
C GLY B 44 -8.81 -5.90 -12.77
N THR B 45 -8.85 -7.23 -12.90
CA THR B 45 -9.02 -8.12 -11.76
C THR B 45 -7.73 -8.63 -11.15
N GLY B 46 -6.58 -8.25 -11.71
CA GLY B 46 -5.27 -8.78 -11.29
C GLY B 46 -4.39 -7.75 -10.60
N ASP B 47 -4.95 -7.00 -9.68
CA ASP B 47 -4.20 -6.03 -8.89
C ASP B 47 -3.55 -5.01 -9.81
N ASN B 48 -4.32 -4.41 -10.68
CA ASN B 48 -3.79 -3.43 -11.63
C ASN B 48 -3.41 -2.15 -10.88
N ASN B 49 -2.17 -1.73 -11.04
CA ASN B 49 -1.59 -0.58 -10.33
C ASN B 49 -1.77 0.67 -11.17
N LEU B 50 -2.58 1.60 -10.66
CA LEU B 50 -2.90 2.83 -11.38
C LEU B 50 -1.90 3.94 -11.15
N GLY B 51 -0.81 3.66 -10.44
CA GLY B 51 0.23 4.63 -10.19
C GLY B 51 0.05 5.34 -8.85
N THR B 52 0.98 6.27 -8.64
CA THR B 52 1.06 7.06 -7.42
C THR B 52 1.07 8.54 -7.82
N LYS B 53 0.33 9.34 -7.06
CA LYS B 53 0.36 10.80 -7.19
C LYS B 53 0.74 11.40 -5.85
N VAL B 54 1.51 12.50 -5.89
CA VAL B 54 1.94 13.20 -4.70
C VAL B 54 1.23 14.54 -4.65
N ILE B 55 0.54 14.80 -3.55
CA ILE B 55 -0.22 16.03 -3.36
C ILE B 55 0.02 16.52 -1.92
N ASN B 56 -0.41 17.75 -1.65
CA ASN B 56 -0.21 18.39 -0.37
C ASN B 56 -1.47 18.31 0.49
N SER B 57 -1.32 18.10 1.80
CA SER B 57 -2.45 17.88 2.70
C SER B 57 -3.19 19.12 3.16
N GLY B 58 -2.73 20.34 2.79
CA GLY B 58 -3.47 21.54 3.19
C GLY B 58 -3.60 21.62 4.70
N SER B 59 -4.80 21.86 5.22
N SER B 59 -4.80 21.88 5.20
CA SER B 59 -4.97 21.91 6.66
CA SER B 59 -4.98 21.94 6.65
C SER B 59 -4.80 20.56 7.31
C SER B 59 -4.86 20.56 7.31
N GLY B 60 -4.89 19.49 6.50
CA GLY B 60 -4.75 18.12 6.98
C GLY B 60 -5.97 17.26 6.73
N ASN B 61 -7.08 17.83 6.26
CA ASN B 61 -8.32 17.09 6.14
C ASN B 61 -8.39 16.40 4.78
N VAL B 62 -8.11 15.10 4.77
CA VAL B 62 -8.06 14.33 3.53
C VAL B 62 -9.18 13.32 3.50
N ARG B 63 -9.88 13.21 2.37
CA ARG B 63 -10.96 12.27 2.19
C ARG B 63 -10.83 11.53 0.88
N VAL B 64 -11.07 10.23 0.93
CA VAL B 64 -11.06 9.35 -0.21
C VAL B 64 -12.48 8.96 -0.58
N GLN B 65 -12.86 9.12 -1.86
CA GLN B 65 -14.15 8.68 -2.37
C GLN B 65 -13.92 7.76 -3.55
N ILE B 66 -14.70 6.71 -3.66
CA ILE B 66 -14.54 5.71 -4.72
C ILE B 66 -15.89 5.44 -5.33
N THR B 67 -16.00 5.51 -6.65
CA THR B 67 -17.24 5.23 -7.34
C THR B 67 -17.00 4.19 -8.42
N ALA B 68 -18.07 3.50 -8.74
CA ALA B 68 -18.13 2.59 -9.87
C ALA B 68 -19.64 2.54 -10.24
N ASN B 69 -19.96 2.38 -11.52
CA ASN B 69 -21.38 2.33 -11.92
C ASN B 69 -22.19 3.54 -11.47
N GLY B 70 -21.53 4.70 -11.38
CA GLY B 70 -22.16 5.94 -11.00
C GLY B 70 -22.55 6.05 -9.52
N ARG B 71 -22.06 5.10 -8.69
CA ARG B 71 -22.44 4.98 -7.29
C ARG B 71 -21.23 4.93 -6.40
N GLN B 72 -21.33 5.52 -5.22
CA GLN B 72 -20.26 5.43 -4.25
C GLN B 72 -20.12 3.99 -3.74
N SER B 73 -18.88 3.47 -3.76
CA SER B 73 -18.57 2.19 -3.18
C SER B 73 -18.57 2.26 -1.67
N ASP B 74 -18.81 1.11 -1.04
CA ASP B 74 -18.73 0.99 0.40
C ASP B 74 -17.26 0.93 0.82
N LEU B 75 -16.84 1.77 1.76
CA LEU B 75 -15.46 1.92 2.16
C LEU B 75 -15.19 1.29 3.52
N VAL B 76 -13.97 0.81 3.69
N VAL B 76 -13.97 0.76 3.67
CA VAL B 76 -13.42 0.41 4.98
CA VAL B 76 -13.41 0.41 4.98
C VAL B 76 -12.00 0.96 5.06
C VAL B 76 -12.00 0.98 5.05
N SER B 77 -11.56 1.42 6.22
CA SER B 77 -10.27 2.08 6.28
C SER B 77 -9.65 1.97 7.66
N SER B 78 -8.32 2.16 7.71
N SER B 78 -8.34 2.20 7.71
N SER B 78 -8.34 2.22 7.70
CA SER B 78 -7.56 2.23 8.94
CA SER B 78 -7.62 2.36 8.96
CA SER B 78 -7.57 2.27 8.93
C SER B 78 -6.28 3.03 8.66
C SER B 78 -6.29 3.03 8.66
C SER B 78 -6.27 3.01 8.66
N GLN B 79 -5.63 3.47 9.73
CA GLN B 79 -4.29 4.07 9.63
C GLN B 79 -3.35 3.26 10.52
N LEU B 80 -2.14 3.03 9.98
N LEU B 80 -2.16 3.02 9.98
CA LEU B 80 -1.06 2.28 10.64
CA LEU B 80 -1.05 2.33 10.65
C LEU B 80 0.16 3.17 10.73
C LEU B 80 0.14 3.23 10.76
N VAL B 81 0.88 3.12 11.86
CA VAL B 81 2.17 3.80 12.01
C VAL B 81 3.19 2.75 12.41
N LEU B 82 4.27 2.68 11.63
N LEU B 82 4.27 2.66 11.62
CA LEU B 82 5.37 1.78 11.86
CA LEU B 82 5.37 1.76 11.86
C LEU B 82 6.62 2.56 12.24
C LEU B 82 6.61 2.55 12.24
N ALA B 83 7.38 2.03 13.19
CA ALA B 83 8.62 2.65 13.67
C ALA B 83 8.38 4.08 14.16
N ASN B 84 7.17 4.38 14.62
CA ASN B 84 6.83 5.71 15.07
C ASN B 84 7.12 6.77 14.03
N LYS B 85 7.01 6.42 12.75
N LYS B 85 7.08 6.41 12.75
CA LYS B 85 7.47 7.33 11.69
CA LYS B 85 7.58 7.28 11.68
C LYS B 85 6.73 7.14 10.39
C LYS B 85 6.78 7.14 10.39
N LEU B 86 6.66 5.91 9.90
CA LEU B 86 6.03 5.61 8.60
C LEU B 86 4.54 5.48 8.78
N ASN B 87 3.78 6.35 8.13
CA ASN B 87 2.32 6.33 8.18
C ASN B 87 1.76 5.78 6.89
N LEU B 88 0.84 4.83 7.03
N LEU B 88 0.81 4.86 7.04
CA LEU B 88 0.00 4.35 5.93
CA LEU B 88 0.01 4.32 5.94
C LEU B 88 -1.46 4.53 6.33
C LEU B 88 -1.46 4.47 6.30
N ALA B 89 -2.24 5.13 5.46
CA ALA B 89 -3.71 5.21 5.62
C ALA B 89 -4.26 4.40 4.45
N VAL B 90 -5.06 3.36 4.76
N VAL B 90 -5.06 3.37 4.76
CA VAL B 90 -5.51 2.35 3.79
CA VAL B 90 -5.48 2.42 3.75
C VAL B 90 -7.02 2.39 3.68
C VAL B 90 -7.00 2.36 3.67
N VAL B 91 -7.49 2.31 2.44
CA VAL B 91 -8.92 2.21 2.13
C VAL B 91 -9.14 0.99 1.25
N GLY B 92 -10.02 0.09 1.67
CA GLY B 92 -10.58 -0.95 0.81
C GLY B 92 -12.00 -0.54 0.42
N SER B 93 -12.51 -1.15 -0.64
CA SER B 93 -13.83 -0.75 -1.13
C SER B 93 -14.50 -1.87 -1.87
N GLU B 94 -15.83 -1.84 -1.81
CA GLU B 94 -16.70 -2.84 -2.42
C GLU B 94 -17.73 -2.13 -3.29
N ASP B 95 -17.74 -2.53 -4.58
CA ASP B 95 -18.65 -1.96 -5.57
C ASP B 95 -19.89 -2.81 -5.87
N GLY B 96 -20.00 -3.97 -5.21
CA GLY B 96 -20.95 -4.99 -5.63
C GLY B 96 -21.36 -5.90 -4.50
N THR B 97 -21.46 -7.20 -4.81
CA THR B 97 -22.17 -8.14 -3.93
C THR B 97 -21.27 -9.21 -3.35
N ASP B 98 -20.01 -9.31 -3.79
CA ASP B 98 -19.15 -10.39 -3.36
C ASP B 98 -18.37 -10.11 -2.08
N MET B 99 -18.45 -8.90 -1.57
N MET B 99 -18.45 -8.90 -1.57
CA MET B 99 -17.79 -8.57 -0.30
CA MET B 99 -17.78 -8.54 -0.32
C MET B 99 -16.30 -8.88 -0.26
C MET B 99 -16.30 -8.89 -0.26
N ASP B 100 -15.57 -8.72 -1.37
CA ASP B 100 -14.14 -8.91 -1.32
C ASP B 100 -13.36 -7.65 -0.93
N TYR B 101 -13.97 -6.47 -1.01
CA TYR B 101 -13.38 -5.23 -0.49
C TYR B 101 -12.01 -4.89 -1.11
N ASN B 102 -11.77 -5.37 -2.33
CA ASN B 102 -10.50 -5.11 -3.01
C ASN B 102 -10.72 -4.38 -4.32
N ASP B 103 -11.94 -3.89 -4.59
CA ASP B 103 -12.27 -3.46 -5.94
C ASP B 103 -11.42 -2.26 -6.35
N SER B 104 -11.31 -1.30 -5.41
CA SER B 104 -10.19 -0.36 -5.36
C SER B 104 -9.59 -0.43 -3.98
N ILE B 105 -8.27 -0.40 -3.93
CA ILE B 105 -7.48 -0.29 -2.70
C ILE B 105 -6.67 1.00 -2.85
N VAL B 106 -6.81 1.91 -1.89
CA VAL B 106 -6.16 3.20 -1.91
C VAL B 106 -5.22 3.27 -0.71
N ILE B 107 -3.95 3.57 -0.98
N ILE B 107 -3.96 3.58 -0.98
CA ILE B 107 -2.94 3.68 0.04
CA ILE B 107 -2.95 3.67 0.06
C ILE B 107 -2.39 5.10 0.06
C ILE B 107 -2.39 5.08 0.07
N LEU B 108 -2.46 5.75 1.21
CA LEU B 108 -1.84 7.05 1.41
C LEU B 108 -0.61 6.82 2.27
N ASN B 109 0.50 7.50 1.99
CA ASN B 109 1.67 7.35 2.86
C ASN B 109 2.41 8.68 3.02
N TRP B 110 3.00 8.82 4.20
CA TRP B 110 3.83 9.99 4.52
C TRP B 110 4.69 9.62 5.73
N PRO B 111 5.74 10.39 5.99
CA PRO B 111 6.34 11.40 5.13
C PRO B 111 7.10 10.76 3.98
N LEU B 112 7.32 11.56 2.93
CA LEU B 112 8.06 11.16 1.75
C LEU B 112 9.52 11.62 1.87
N GLY B 113 10.30 11.33 0.84
CA GLY B 113 11.64 11.87 0.68
C GLY B 113 12.75 10.96 1.15
#